data_3IIM
#
_entry.id   3IIM
#
_cell.length_a   99.276
_cell.length_b   99.276
_cell.length_c   57.969
_cell.angle_alpha   90.00
_cell.angle_beta   90.00
_cell.angle_gamma   120.00
#
_symmetry.space_group_name_H-M   'P 61'
#
loop_
_entity.id
_entity.type
_entity.pdbx_description
1 polymer 'Coilin-interacting nuclear ATPase protein'
2 non-polymer (2S,3S)-1,4-DIMERCAPTOBUTANE-2,3-DIOL
3 non-polymer '4-(2-HYDROXYETHYL)-1-PIPERAZINE ETHANESULFONIC ACID'
4 non-polymer "2'-DEOXYADENOSINE-5'-DIPHOSPHATE"
5 non-polymer 'SULFATE ION'
6 water water
#
_entity_poly.entity_id   1
_entity_poly.type   'polypeptide(L)'
_entity_poly.pdbx_seq_one_letter_code
;GPLGSPEFMLLPNILLTGTPGVGKTTLGKELASKSGLKYINVGDLAREEQLYDGYDEEYDCPILDEDRVVDELDNQMREG
GVIVDYHGCDFFPERWFHIVFVLRTDTNVLYERLETRGYNEKKLTDNIQCEIFQVLYEEATASYKEEIVHQLPSNKPEEL
ENNVDQILKWIEQWIKDHNS
;
_entity_poly.pdbx_strand_id   A
#
# COMPACT_ATOMS: atom_id res chain seq x y z
N GLU A 7 15.17 -20.69 9.96
CA GLU A 7 13.96 -20.35 9.15
C GLU A 7 14.36 -20.14 7.68
N PHE A 8 14.15 -21.18 6.88
CA PHE A 8 14.60 -21.16 5.49
C PHE A 8 13.41 -21.37 4.56
N MET A 9 12.45 -20.45 4.64
CA MET A 9 11.24 -20.49 3.82
C MET A 9 11.24 -19.37 2.78
N LEU A 10 10.76 -19.65 1.57
CA LEU A 10 10.42 -18.58 0.64
C LEU A 10 9.15 -17.92 1.14
N LEU A 11 9.17 -16.59 1.20
CA LEU A 11 8.02 -15.82 1.67
C LEU A 11 7.63 -14.78 0.61
N PRO A 12 6.33 -14.49 0.50
CA PRO A 12 5.87 -13.58 -0.55
C PRO A 12 6.06 -12.12 -0.18
N ASN A 13 6.01 -11.25 -1.18
CA ASN A 13 5.91 -9.82 -0.96
C ASN A 13 4.54 -9.31 -1.39
N ILE A 14 3.99 -8.38 -0.61
CA ILE A 14 2.63 -7.89 -0.82
C ILE A 14 2.68 -6.37 -0.89
N LEU A 15 1.98 -5.83 -1.88
CA LEU A 15 1.82 -4.39 -1.96
C LEU A 15 0.41 -4.01 -1.54
N LEU A 16 0.32 -3.06 -0.62
CA LEU A 16 -0.95 -2.45 -0.26
C LEU A 16 -0.90 -1.02 -0.77
N THR A 17 -1.79 -0.72 -1.70
CA THR A 17 -1.85 0.62 -2.27
C THR A 17 -3.29 1.13 -2.28
N GLY A 18 -3.48 2.35 -2.75
CA GLY A 18 -4.76 3.02 -2.67
C GLY A 18 -4.59 4.42 -2.13
N THR A 19 -5.61 5.24 -2.34
CA THR A 19 -5.65 6.65 -1.89
C THR A 19 -5.33 6.77 -0.40
N PRO A 20 -4.63 7.84 0.01
CA PRO A 20 -4.49 8.08 1.44
C PRO A 20 -5.84 8.06 2.14
N GLY A 21 -5.89 7.44 3.32
CA GLY A 21 -7.12 7.29 4.08
C GLY A 21 -7.89 6.00 3.93
N VAL A 22 -7.57 5.18 2.92
CA VAL A 22 -8.37 3.95 2.66
C VAL A 22 -8.20 2.84 3.70
N GLY A 23 -7.06 2.82 4.40
CA GLY A 23 -6.82 1.80 5.43
C GLY A 23 -5.57 0.95 5.24
N LYS A 24 -4.64 1.41 4.41
CA LYS A 24 -3.42 0.63 4.12
C LYS A 24 -2.56 0.35 5.37
N THR A 25 -2.32 1.37 6.18
CA THR A 25 -1.46 1.23 7.36
C THR A 25 -2.11 0.31 8.39
N THR A 26 -3.39 0.53 8.61
CA THR A 26 -4.16 -0.30 9.55
C THR A 26 -4.07 -1.77 9.16
N LEU A 27 -4.31 -2.04 7.87
CA LEU A 27 -4.28 -3.40 7.36
C LEU A 27 -2.87 -4.00 7.39
N GLY A 28 -1.89 -3.23 6.93
CA GLY A 28 -0.50 -3.70 6.86
C GLY A 28 0.06 -4.06 8.23
N LYS A 29 -0.23 -3.23 9.22
CA LYS A 29 0.28 -3.47 10.58
C LYS A 29 -0.35 -4.70 11.20
N GLU A 30 -1.64 -4.90 10.92
CA GLU A 30 -2.35 -6.05 11.45
C GLU A 30 -1.85 -7.34 10.77
N LEU A 31 -1.69 -7.28 9.45
CA LEU A 31 -1.11 -8.38 8.69
C LEU A 31 0.27 -8.78 9.20
N ALA A 32 1.14 -7.79 9.46
CA ALA A 32 2.50 -8.08 9.94
C ALA A 32 2.46 -8.79 11.30
N SER A 33 1.65 -8.27 12.21
CA SER A 33 1.52 -8.85 13.55
CA SER A 33 1.52 -8.85 13.55
C SER A 33 1.06 -10.30 13.48
N LYS A 34 0.16 -10.59 12.53
CA LYS A 34 -0.50 -11.89 12.45
C LYS A 34 0.15 -12.89 11.49
N SER A 35 1.21 -12.47 10.80
CA SER A 35 1.89 -13.36 9.87
C SER A 35 3.40 -13.41 10.13
N GLY A 36 3.93 -12.45 10.89
CA GLY A 36 5.37 -12.32 11.08
C GLY A 36 6.11 -11.72 9.89
N LEU A 37 5.39 -11.36 8.83
CA LEU A 37 6.02 -10.67 7.69
C LEU A 37 6.37 -9.26 8.14
N LYS A 38 7.35 -8.65 7.47
CA LYS A 38 7.80 -7.31 7.85
C LYS A 38 6.92 -6.25 7.17
N TYR A 39 6.47 -5.27 7.95
CA TYR A 39 5.64 -4.22 7.41
C TYR A 39 6.51 -3.00 7.13
N ILE A 40 6.37 -2.43 5.95
CA ILE A 40 7.10 -1.21 5.59
C ILE A 40 6.14 -0.13 5.10
N ASN A 41 6.09 0.96 5.86
CA ASN A 41 5.39 2.16 5.44
C ASN A 41 6.38 3.02 4.64
N VAL A 42 6.15 3.16 3.34
CA VAL A 42 7.10 3.90 2.49
C VAL A 42 7.28 5.37 2.88
N GLY A 43 6.17 6.04 3.22
CA GLY A 43 6.24 7.43 3.71
C GLY A 43 7.12 7.55 4.96
N ASP A 44 6.92 6.64 5.91
CA ASP A 44 7.71 6.61 7.14
C ASP A 44 9.17 6.33 6.87
N LEU A 45 9.44 5.38 5.97
CA LEU A 45 10.80 5.02 5.60
C LEU A 45 11.53 6.22 4.96
N ALA A 46 10.83 6.90 4.07
CA ALA A 46 11.37 8.10 3.41
C ALA A 46 11.71 9.20 4.43
N ARG A 47 10.86 9.31 5.46
CA ARG A 47 11.08 10.29 6.54
C ARG A 47 12.31 9.91 7.37
N GLU A 48 12.38 8.64 7.76
CA GLU A 48 13.44 8.14 8.63
C GLU A 48 14.78 8.21 7.95
N GLU A 49 14.82 7.85 6.68
CA GLU A 49 16.07 7.80 5.94
C GLU A 49 16.29 9.03 5.08
N GLN A 50 15.38 9.99 5.18
CA GLN A 50 15.50 11.32 4.52
C GLN A 50 15.64 11.17 3.01
N LEU A 51 14.73 10.40 2.41
CA LEU A 51 14.79 10.12 0.97
C LEU A 51 13.86 11.06 0.22
N TYR A 52 14.25 12.33 0.19
CA TYR A 52 13.48 13.36 -0.48
C TYR A 52 14.37 14.15 -1.42
N ASP A 53 13.80 14.56 -2.54
CA ASP A 53 14.48 15.44 -3.47
C ASP A 53 13.50 16.43 -4.08
N GLY A 54 13.62 17.69 -3.66
CA GLY A 54 12.75 18.75 -4.15
C GLY A 54 11.49 18.90 -3.34
N TYR A 55 10.78 19.99 -3.59
CA TYR A 55 9.57 20.34 -2.89
C TYR A 55 8.49 20.70 -3.91
N ASP A 56 7.29 20.17 -3.71
CA ASP A 56 6.15 20.48 -4.58
C ASP A 56 5.43 21.70 -4.04
N GLU A 57 5.35 22.74 -4.85
CA GLU A 57 4.78 24.02 -4.45
C GLU A 57 3.26 23.97 -4.27
N GLU A 58 2.58 23.31 -5.20
CA GLU A 58 1.12 23.28 -5.21
C GLU A 58 0.52 22.36 -4.14
N TYR A 59 1.15 21.22 -3.92
CA TYR A 59 0.70 20.23 -2.92
C TYR A 59 1.28 20.49 -1.53
N ASP A 60 2.29 21.36 -1.46
CA ASP A 60 3.03 21.65 -0.23
C ASP A 60 3.51 20.38 0.48
N CYS A 61 4.49 19.73 -0.15
CA CYS A 61 5.10 18.49 0.37
C CYS A 61 6.47 18.29 -0.26
N PRO A 62 7.43 17.76 0.52
CA PRO A 62 8.69 17.30 -0.08
C PRO A 62 8.43 16.16 -1.06
N ILE A 63 9.23 16.11 -2.13
CA ILE A 63 9.04 15.10 -3.15
C ILE A 63 9.85 13.85 -2.81
N LEU A 64 9.13 12.74 -2.75
CA LEU A 64 9.75 11.45 -2.52
C LEU A 64 10.80 11.21 -3.60
N ASP A 65 11.98 10.77 -3.17
CA ASP A 65 13.02 10.38 -4.11
C ASP A 65 12.84 8.91 -4.45
N GLU A 66 12.18 8.65 -5.58
CA GLU A 66 11.72 7.29 -5.89
C GLU A 66 12.86 6.29 -6.09
N ASP A 67 13.92 6.72 -6.78
CA ASP A 67 15.10 5.88 -7.02
C ASP A 67 15.77 5.46 -5.72
N ARG A 68 15.94 6.41 -4.81
CA ARG A 68 16.55 6.13 -3.52
C ARG A 68 15.69 5.20 -2.66
N VAL A 69 14.37 5.39 -2.71
CA VAL A 69 13.45 4.47 -2.04
C VAL A 69 13.65 3.03 -2.55
N VAL A 70 13.69 2.87 -3.88
CA VAL A 70 13.90 1.55 -4.49
C VAL A 70 15.24 0.96 -4.05
N ASP A 71 16.31 1.75 -4.14
CA ASP A 71 17.65 1.32 -3.70
C ASP A 71 17.65 0.93 -2.21
N GLU A 72 16.94 1.72 -1.40
CA GLU A 72 16.87 1.47 0.05
C GLU A 72 16.25 0.10 0.37
N LEU A 73 15.24 -0.29 -0.41
CA LEU A 73 14.43 -1.46 -0.12
C LEU A 73 14.84 -2.72 -0.87
N ASP A 74 15.58 -2.57 -1.96
CA ASP A 74 15.77 -3.66 -2.90
C ASP A 74 16.26 -4.96 -2.27
N ASN A 75 17.33 -4.89 -1.49
CA ASN A 75 17.93 -6.10 -0.90
C ASN A 75 16.94 -6.89 -0.06
N GLN A 76 16.18 -6.16 0.76
CA GLN A 76 15.15 -6.75 1.61
C GLN A 76 14.00 -7.34 0.80
N MET A 77 13.59 -6.65 -0.26
CA MET A 77 12.54 -7.16 -1.14
C MET A 77 12.97 -8.45 -1.81
N ARG A 78 14.24 -8.52 -2.20
CA ARG A 78 14.79 -9.73 -2.84
C ARG A 78 14.73 -10.93 -1.90
N GLU A 79 14.88 -10.67 -0.59
CA GLU A 79 14.84 -11.73 0.41
C GLU A 79 13.41 -12.18 0.75
N GLY A 80 12.42 -11.36 0.39
CA GLY A 80 11.02 -11.76 0.50
C GLY A 80 10.42 -11.56 1.88
N GLY A 81 9.10 -11.68 1.97
CA GLY A 81 8.39 -11.57 3.25
C GLY A 81 8.14 -10.16 3.72
N VAL A 82 7.80 -9.26 2.78
CA VAL A 82 7.64 -7.83 3.11
C VAL A 82 6.27 -7.36 2.64
N ILE A 83 5.59 -6.62 3.51
CA ILE A 83 4.33 -5.98 3.16
C ILE A 83 4.64 -4.49 3.02
N VAL A 84 4.48 -3.97 1.81
CA VAL A 84 4.79 -2.57 1.50
C VAL A 84 3.50 -1.75 1.37
N ASP A 85 3.49 -0.58 1.99
CA ASP A 85 2.33 0.28 2.08
C ASP A 85 2.73 1.64 1.48
N TYR A 86 2.12 1.99 0.35
CA TYR A 86 2.29 3.33 -0.21
C TYR A 86 1.14 3.70 -1.14
N HIS A 87 0.88 5.01 -1.23
CA HIS A 87 -0.16 5.55 -2.11
C HIS A 87 0.40 5.87 -3.50
N GLY A 88 1.26 4.98 -3.99
CA GLY A 88 1.78 5.04 -5.35
C GLY A 88 2.44 3.70 -5.59
N CYS A 89 2.56 3.30 -6.85
CA CYS A 89 3.13 1.98 -7.14
C CYS A 89 3.84 1.85 -8.48
N ASP A 90 3.74 2.87 -9.32
CA ASP A 90 4.31 2.76 -10.66
C ASP A 90 5.83 2.69 -10.72
N PHE A 91 6.50 3.18 -9.67
CA PHE A 91 7.96 3.24 -9.67
C PHE A 91 8.65 2.02 -9.04
N PHE A 92 7.88 1.16 -8.35
CA PHE A 92 8.48 -0.04 -7.76
C PHE A 92 8.83 -1.04 -8.87
N PRO A 93 9.97 -1.75 -8.75
CA PRO A 93 10.23 -2.85 -9.70
C PRO A 93 9.07 -3.86 -9.68
N GLU A 94 8.59 -4.21 -10.86
CA GLU A 94 7.47 -5.12 -10.98
C GLU A 94 7.75 -6.47 -10.28
N ARG A 95 9.00 -6.91 -10.31
CA ARG A 95 9.44 -8.20 -9.76
C ARG A 95 9.26 -8.30 -8.24
N TRP A 96 9.18 -7.15 -7.57
CA TRP A 96 9.05 -7.13 -6.10
C TRP A 96 7.83 -7.87 -5.57
N PHE A 97 6.69 -7.69 -6.22
CA PHE A 97 5.42 -8.11 -5.64
C PHE A 97 4.77 -9.33 -6.25
N HIS A 98 4.34 -10.22 -5.35
CA HIS A 98 3.65 -11.44 -5.75
C HIS A 98 2.15 -11.22 -5.84
N ILE A 99 1.67 -10.19 -5.14
CA ILE A 99 0.27 -9.83 -5.19
C ILE A 99 0.15 -8.37 -4.82
N VAL A 100 -0.86 -7.69 -5.37
CA VAL A 100 -1.05 -6.25 -5.15
C VAL A 100 -2.52 -6.01 -4.78
N PHE A 101 -2.76 -5.39 -3.63
CA PHE A 101 -4.12 -5.07 -3.22
C PHE A 101 -4.30 -3.57 -3.29
N VAL A 102 -5.39 -3.16 -3.95
CA VAL A 102 -5.77 -1.76 -4.00
C VAL A 102 -6.98 -1.61 -3.10
N LEU A 103 -6.78 -0.98 -1.94
CA LEU A 103 -7.89 -0.77 -1.02
C LEU A 103 -8.72 0.38 -1.54
N ARG A 104 -10.04 0.21 -1.44
CA ARG A 104 -11.02 1.16 -1.94
C ARG A 104 -11.97 1.53 -0.82
N THR A 105 -12.34 2.80 -0.77
CA THR A 105 -13.23 3.30 0.27
C THR A 105 -14.26 4.21 -0.39
N ASP A 106 -15.54 4.01 -0.06
CA ASP A 106 -16.59 4.88 -0.58
C ASP A 106 -16.22 6.33 -0.31
N THR A 107 -16.50 7.19 -1.28
CA THR A 107 -16.03 8.57 -1.26
C THR A 107 -16.52 9.31 -0.01
N ASN A 108 -17.78 9.09 0.37
CA ASN A 108 -18.35 9.75 1.54
C ASN A 108 -17.58 9.33 2.80
N VAL A 109 -17.34 8.03 2.93
CA VAL A 109 -16.60 7.48 4.07
C VAL A 109 -15.16 8.02 4.09
N LEU A 110 -14.52 8.05 2.93
CA LEU A 110 -13.13 8.46 2.83
C LEU A 110 -12.96 9.95 3.21
N TYR A 111 -13.89 10.77 2.74
CA TYR A 111 -13.88 12.20 3.04
C TYR A 111 -13.89 12.46 4.55
N GLU A 112 -14.79 11.77 5.27
CA GLU A 112 -14.89 11.94 6.73
C GLU A 112 -13.58 11.56 7.43
N ARG A 113 -12.91 10.52 6.93
CA ARG A 113 -11.63 10.09 7.48
C ARG A 113 -10.55 11.15 7.30
N LEU A 114 -10.48 11.70 6.09
CA LEU A 114 -9.43 12.65 5.71
C LEU A 114 -9.69 14.02 6.32
N GLU A 115 -10.97 14.34 6.51
CA GLU A 115 -11.37 15.55 7.19
C GLU A 115 -10.87 15.52 8.65
N THR A 116 -11.09 14.39 9.32
CA THR A 116 -10.64 14.14 10.70
C THR A 116 -9.12 14.28 10.85
N ARG A 117 -8.39 13.96 9.79
CA ARG A 117 -6.93 14.13 9.75
C ARG A 117 -6.50 15.59 9.81
N GLY A 118 -7.44 16.49 9.52
CA GLY A 118 -7.16 17.92 9.56
C GLY A 118 -6.58 18.40 8.25
N TYR A 119 -6.91 17.71 7.16
CA TYR A 119 -6.57 18.15 5.81
C TYR A 119 -7.35 19.40 5.50
N ASN A 120 -6.70 20.40 4.91
CA ASN A 120 -7.41 21.60 4.45
C ASN A 120 -8.18 21.31 3.16
N GLU A 121 -8.90 22.30 2.65
CA GLU A 121 -9.79 22.10 1.50
C GLU A 121 -9.07 21.58 0.25
N LYS A 122 -7.93 22.19 -0.11
CA LYS A 122 -7.22 21.80 -1.34
C LYS A 122 -6.71 20.37 -1.28
N LYS A 123 -6.23 19.97 -0.10
CA LYS A 123 -5.68 18.62 0.08
C LYS A 123 -6.80 17.61 0.12
N LEU A 124 -7.89 17.93 0.82
CA LEU A 124 -9.12 17.12 0.81
C LEU A 124 -9.60 16.87 -0.60
N THR A 125 -9.71 17.95 -1.39
CA THR A 125 -10.23 17.86 -2.75
C THR A 125 -9.35 17.00 -3.67
N ASP A 126 -8.04 17.23 -3.66
CA ASP A 126 -7.12 16.44 -4.47
CA ASP A 126 -7.13 16.45 -4.48
C ASP A 126 -7.20 14.95 -4.12
N ASN A 127 -7.21 14.65 -2.83
CA ASN A 127 -7.27 13.26 -2.36
C ASN A 127 -8.59 12.60 -2.70
N ILE A 128 -9.69 13.33 -2.49
CA ILE A 128 -11.00 12.80 -2.77
C ILE A 128 -11.22 12.55 -4.28
N GLN A 129 -10.63 13.41 -5.11
CA GLN A 129 -10.70 13.22 -6.56
C GLN A 129 -9.82 12.04 -6.98
N CYS A 130 -8.70 11.85 -6.30
CA CYS A 130 -7.82 10.71 -6.55
C CYS A 130 -8.63 9.40 -6.40
N GLU A 131 -9.46 9.34 -5.37
CA GLU A 131 -10.29 8.16 -5.13
C GLU A 131 -11.42 8.03 -6.15
N ILE A 132 -12.13 9.13 -6.41
N ILE A 132 -12.15 9.12 -6.38
CA ILE A 132 -13.31 9.09 -7.29
CA ILE A 132 -13.29 9.10 -7.31
C ILE A 132 -12.93 8.89 -8.77
C ILE A 132 -12.84 8.70 -8.71
N PHE A 133 -11.69 9.21 -9.12
CA PHE A 133 -11.13 8.94 -10.43
C PHE A 133 -10.42 7.58 -10.48
N GLN A 134 -10.38 6.86 -9.36
CA GLN A 134 -9.78 5.52 -9.29
C GLN A 134 -8.30 5.51 -9.75
N VAL A 135 -7.58 6.57 -9.38
CA VAL A 135 -6.21 6.77 -9.88
C VAL A 135 -5.26 5.62 -9.51
N LEU A 136 -5.31 5.18 -8.25
CA LEU A 136 -4.34 4.19 -7.79
C LEU A 136 -4.68 2.81 -8.33
N TYR A 137 -5.97 2.54 -8.46
CA TYR A 137 -6.41 1.30 -9.09
C TYR A 137 -5.88 1.20 -10.52
N GLU A 138 -6.05 2.29 -11.28
CA GLU A 138 -5.55 2.32 -12.66
C GLU A 138 -4.02 2.25 -12.72
N GLU A 139 -3.36 2.91 -11.76
CA GLU A 139 -1.90 2.88 -11.70
C GLU A 139 -1.39 1.45 -11.43
N ALA A 140 -2.07 0.74 -10.51
CA ALA A 140 -1.70 -0.64 -10.18
C ALA A 140 -1.92 -1.55 -11.40
N THR A 141 -3.05 -1.40 -12.06
CA THR A 141 -3.34 -2.26 -13.22
C THR A 141 -2.35 -1.98 -14.36
N ALA A 142 -1.92 -0.73 -14.48
CA ALA A 142 -0.95 -0.36 -15.53
C ALA A 142 0.45 -0.88 -15.20
N SER A 143 0.72 -1.10 -13.91
CA SER A 143 2.07 -1.45 -13.48
C SER A 143 2.31 -2.94 -13.21
N TYR A 144 1.24 -3.70 -13.00
CA TYR A 144 1.36 -5.12 -12.63
C TYR A 144 0.38 -5.93 -13.44
N LYS A 145 0.66 -7.23 -13.57
CA LYS A 145 -0.24 -8.17 -14.23
C LYS A 145 -1.64 -8.08 -13.62
N GLU A 146 -2.65 -8.04 -14.48
CA GLU A 146 -4.05 -8.04 -14.06
C GLU A 146 -4.39 -9.13 -13.05
N GLU A 147 -3.85 -10.33 -13.28
CA GLU A 147 -4.14 -11.50 -12.46
C GLU A 147 -3.68 -11.37 -10.99
N ILE A 148 -2.76 -10.45 -10.71
CA ILE A 148 -2.26 -10.29 -9.32
C ILE A 148 -2.74 -9.02 -8.62
N VAL A 149 -3.53 -8.21 -9.33
CA VAL A 149 -4.10 -6.99 -8.77
C VAL A 149 -5.54 -7.23 -8.33
N HIS A 150 -5.85 -6.88 -7.08
CA HIS A 150 -7.17 -7.10 -6.50
C HIS A 150 -7.62 -5.88 -5.73
N GLN A 151 -8.87 -5.46 -5.95
CA GLN A 151 -9.42 -4.37 -5.16
C GLN A 151 -10.02 -4.96 -3.90
N LEU A 152 -9.83 -4.27 -2.78
CA LEU A 152 -10.40 -4.68 -1.51
C LEU A 152 -11.29 -3.57 -0.94
N PRO A 153 -12.53 -3.92 -0.56
CA PRO A 153 -13.36 -2.94 0.14
C PRO A 153 -12.77 -2.60 1.51
N SER A 154 -12.79 -1.33 1.86
CA SER A 154 -12.18 -0.92 3.10
C SER A 154 -12.96 0.23 3.73
N ASN A 155 -14.22 -0.05 4.06
CA ASN A 155 -15.17 0.94 4.58
C ASN A 155 -15.52 0.74 6.04
N LYS A 156 -15.59 -0.52 6.47
CA LYS A 156 -16.09 -0.90 7.80
C LYS A 156 -15.11 -1.86 8.49
N PRO A 157 -15.10 -1.89 9.84
CA PRO A 157 -14.25 -2.83 10.58
C PRO A 157 -14.42 -4.30 10.13
N GLU A 158 -15.66 -4.70 9.83
CA GLU A 158 -15.97 -6.01 9.30
C GLU A 158 -15.19 -6.31 8.01
N GLU A 159 -15.02 -5.29 7.18
CA GLU A 159 -14.25 -5.43 5.94
C GLU A 159 -12.76 -5.56 6.21
N LEU A 160 -12.23 -4.79 7.16
CA LEU A 160 -10.84 -4.95 7.61
C LEU A 160 -10.61 -6.38 8.08
N GLU A 161 -11.55 -6.88 8.89
CA GLU A 161 -11.47 -8.25 9.38
C GLU A 161 -11.46 -9.26 8.23
N ASN A 162 -12.35 -9.09 7.25
CA ASN A 162 -12.37 -9.98 6.08
CA ASN A 162 -12.39 -9.96 6.06
C ASN A 162 -11.09 -9.90 5.26
N ASN A 163 -10.55 -8.69 5.11
CA ASN A 163 -9.32 -8.48 4.36
C ASN A 163 -8.13 -9.18 5.03
N VAL A 164 -7.99 -9.00 6.34
CA VAL A 164 -6.97 -9.68 7.13
C VAL A 164 -7.08 -11.20 6.93
N ASP A 165 -8.29 -11.73 7.10
CA ASP A 165 -8.52 -13.17 6.97
C ASP A 165 -8.16 -13.69 5.58
N GLN A 166 -8.63 -13.03 4.55
CA GLN A 166 -8.38 -13.47 3.19
C GLN A 166 -6.89 -13.41 2.85
N ILE A 167 -6.22 -12.34 3.27
CA ILE A 167 -4.79 -12.22 2.94
C ILE A 167 -3.94 -13.22 3.73
N LEU A 168 -4.27 -13.44 5.00
CA LEU A 168 -3.56 -14.45 5.81
C LEU A 168 -3.71 -15.84 5.18
N LYS A 169 -4.89 -16.12 4.65
CA LYS A 169 -5.12 -17.40 3.97
C LYS A 169 -4.32 -17.49 2.68
N TRP A 170 -4.26 -16.38 1.94
CA TRP A 170 -3.45 -16.31 0.71
C TRP A 170 -1.96 -16.55 1.01
N ILE A 171 -1.46 -15.91 2.06
CA ILE A 171 -0.06 -16.05 2.47
C ILE A 171 0.25 -17.51 2.78
N GLU A 172 -0.63 -18.16 3.53
CA GLU A 172 -0.44 -19.56 3.90
C GLU A 172 -0.38 -20.45 2.64
N GLN A 173 -1.32 -20.26 1.73
CA GLN A 173 -1.33 -21.04 0.49
C GLN A 173 -0.08 -20.79 -0.37
N TRP A 174 0.33 -19.53 -0.48
CA TRP A 174 1.50 -19.17 -1.28
C TRP A 174 2.75 -19.83 -0.70
N ILE A 175 2.89 -19.79 0.62
CA ILE A 175 4.05 -20.41 1.27
C ILE A 175 4.10 -21.91 0.98
N LYS A 176 2.96 -22.59 1.10
CA LYS A 176 2.90 -24.02 0.80
C LYS A 176 3.33 -24.30 -0.65
N ASP A 177 2.78 -23.52 -1.58
CA ASP A 177 3.02 -23.71 -3.03
C ASP A 177 4.46 -23.42 -3.45
N HIS A 178 5.17 -22.59 -2.69
CA HIS A 178 6.53 -22.19 -3.03
C HIS A 178 7.59 -22.69 -2.06
N ASN A 179 7.21 -23.67 -1.23
CA ASN A 179 8.16 -24.42 -0.42
C ASN A 179 7.77 -25.89 -0.45
N SER A 180 7.79 -26.47 -1.64
CA SER A 180 7.45 -27.88 -1.86
C SER A 180 8.45 -28.80 -1.16
#